data_2HWL
#
_entry.id   2HWL
#
_cell.length_a   66.397
_cell.length_b   81.523
_cell.length_c   70.256
_cell.angle_alpha   90.00
_cell.angle_beta   109.35
_cell.angle_gamma   90.00
#
_symmetry.space_group_name_H-M   'P 1 21 1'
#
loop_
_entity.id
_entity.type
_entity.pdbx_description
1 polymer Prothrombin
2 polymer Prothrombin
3 polymer "Fibrinogen gamma' peptide"
4 non-polymer 'SODIUM ION'
5 non-polymer 2-acetamido-2-deoxy-beta-D-glucopyranose
6 water water
#
loop_
_entity_poly.entity_id
_entity_poly.type
_entity_poly.pdbx_seq_one_letter_code
_entity_poly.pdbx_strand_id
1 'polypeptide(L)' TFGSGEADCGLRPLFEKKSLEDKTERELLESYIDGR A,C
2 'polypeptide(L)'
;IVEGSDAEIGMSPWQVMLFRKSPQELLCGASLISDRWVLTAAHCLLYPPWDKNFTENDLLVRIGKHSRTRYEANIEKISM
LEKIYIHPRYNWRENLDRDIALMKLKKPVAFSDYIHPVCLPDRETAASLLQAGYKGRVTGWGNLKETWTANVGKGQPSVL
QVVNLPIVERPVCKDSTRIRITDNMFCAGYKPDEGKRGDACEGDSGGPFVMKSPFNNRWYQMGIVSWGEGCDRDGKYGFY
THVFRLKKWIQKVIDQFGE
;
B,D
3 'polypeptide(L)' PAETE(PTR)DSL(PTR)PEDD P
#
# COMPACT_ATOMS: atom_id res chain seq x y z
N GLY A 5 -23.17 21.32 28.70
CA GLY A 5 -24.23 21.43 27.64
C GLY A 5 -23.77 20.88 26.30
N GLU A 6 -23.85 19.55 26.18
CA GLU A 6 -23.46 18.76 24.99
C GLU A 6 -23.71 17.34 25.46
N ALA A 7 -24.26 17.33 26.68
CA ALA A 7 -24.56 16.15 27.46
C ALA A 7 -23.39 16.18 28.42
N ASP A 8 -22.90 15.01 28.78
CA ASP A 8 -21.78 14.94 29.70
C ASP A 8 -20.53 14.52 28.95
N CYS A 9 -20.65 14.42 27.62
CA CYS A 9 -19.53 14.01 26.77
C CYS A 9 -18.17 14.59 27.12
N GLY A 10 -17.13 13.82 26.83
CA GLY A 10 -15.77 14.28 27.06
C GLY A 10 -15.22 14.42 28.45
N LEU A 11 -16.03 14.17 29.48
CA LEU A 11 -15.58 14.27 30.88
C LEU A 11 -15.52 12.85 31.46
N ARG A 12 -14.31 12.33 31.65
CA ARG A 12 -14.11 10.99 32.15
C ARG A 12 -14.45 10.85 33.64
N PRO A 13 -15.24 9.83 33.98
CA PRO A 13 -15.66 9.56 35.37
C PRO A 13 -14.51 9.40 36.35
N LEU A 14 -13.40 8.82 35.89
CA LEU A 14 -12.25 8.58 36.73
C LEU A 14 -11.14 9.61 36.66
N PHE A 15 -11.39 10.70 35.95
CA PHE A 15 -10.36 11.71 35.88
C PHE A 15 -10.95 13.10 36.07
N GLU A 16 -11.41 13.75 34.99
CA GLU A 16 -11.99 15.09 35.12
C GLU A 16 -13.01 15.11 36.27
N LYS A 17 -13.93 14.15 36.26
CA LYS A 17 -14.96 14.07 37.28
C LYS A 17 -14.43 13.93 38.71
N LYS A 18 -13.18 13.51 38.87
CA LYS A 18 -12.60 13.35 40.20
C LYS A 18 -11.40 14.27 40.40
N SER A 19 -11.36 15.33 39.62
CA SER A 19 -10.27 16.30 39.69
C SER A 19 -8.91 15.65 39.53
N LEU A 20 -8.86 14.53 38.81
CA LEU A 20 -7.60 13.82 38.56
C LEU A 20 -7.17 13.87 37.10
N GLU A 21 -5.86 13.84 36.88
CA GLU A 21 -5.29 13.90 35.52
C GLU A 21 -4.58 12.59 35.22
N ASP A 22 -4.55 12.18 33.94
CA ASP A 22 -3.85 10.96 33.58
C ASP A 22 -2.39 11.35 33.42
N LYS A 23 -1.53 10.37 33.21
CA LYS A 23 -0.09 10.60 33.10
C LYS A 23 0.45 11.38 31.90
N THR A 24 -0.34 11.58 30.86
CA THR A 24 0.20 12.29 29.70
C THR A 24 -0.55 13.49 29.15
N GLU A 25 -1.67 13.84 29.76
CA GLU A 25 -2.41 14.97 29.21
C GLU A 25 -1.64 16.28 29.19
N ARG A 26 -0.70 16.46 30.11
CA ARG A 26 0.06 17.71 30.12
C ARG A 26 0.86 17.90 28.85
N GLU A 27 1.24 16.79 28.23
CA GLU A 27 2.00 16.79 27.00
C GLU A 27 1.15 17.44 25.92
N LEU A 28 -0.16 17.20 25.95
CA LEU A 28 -1.05 17.79 24.96
C LEU A 28 -1.20 19.28 25.25
N LEU A 29 -1.52 19.60 26.50
CA LEU A 29 -1.70 20.98 26.91
C LEU A 29 -0.48 21.82 26.54
N GLU A 30 0.71 21.29 26.79
CA GLU A 30 1.91 22.05 26.49
C GLU A 30 2.17 22.27 25.01
N SER A 31 1.53 21.50 24.14
CA SER A 31 1.75 21.70 22.72
C SER A 31 0.91 22.83 22.18
N ILE B 1 -0.87 -0.07 18.10
CA ILE B 1 -0.15 1.23 18.21
C ILE B 1 1.34 1.01 18.41
N VAL B 2 2.13 1.63 17.54
CA VAL B 2 3.58 1.52 17.58
C VAL B 2 4.17 2.61 18.48
N GLU B 3 5.18 2.25 19.27
CA GLU B 3 5.86 3.16 20.18
C GLU B 3 4.92 3.92 21.11
N GLY B 4 3.89 3.24 21.58
CA GLY B 4 2.96 3.86 22.50
C GLY B 4 3.23 3.30 23.88
N SER B 5 2.27 3.39 24.77
CA SER B 5 2.45 2.87 26.12
C SER B 5 1.11 2.44 26.67
N ASP B 6 1.16 1.64 27.74
CA ASP B 6 -0.07 1.17 28.37
C ASP B 6 -0.93 2.34 28.79
N ALA B 7 -2.23 2.15 28.75
CA ALA B 7 -3.17 3.19 29.11
C ALA B 7 -3.69 2.93 30.52
N GLU B 8 -4.03 3.99 31.22
CA GLU B 8 -4.57 3.84 32.57
C GLU B 8 -6.04 3.43 32.48
N ILE B 9 -6.52 2.78 33.53
CA ILE B 9 -7.91 2.35 33.58
C ILE B 9 -8.81 3.58 33.54
N GLY B 10 -9.84 3.53 32.68
CA GLY B 10 -10.76 4.64 32.54
C GLY B 10 -10.20 5.85 31.81
N MET B 11 -9.04 5.71 31.19
CA MET B 11 -8.42 6.80 30.47
C MET B 11 -9.11 7.14 29.14
N SER B 12 -9.74 6.15 28.53
CA SER B 12 -10.42 6.32 27.25
C SER B 12 -11.73 5.53 27.29
N PRO B 13 -12.66 5.94 28.14
CA PRO B 13 -13.97 5.29 28.32
C PRO B 13 -14.89 5.26 27.10
N TRP B 14 -14.48 5.93 26.02
CA TRP B 14 -15.29 5.96 24.81
C TRP B 14 -14.70 5.03 23.78
N GLN B 15 -13.64 4.33 24.16
CA GLN B 15 -12.97 3.40 23.26
C GLN B 15 -13.92 2.25 22.94
N VAL B 16 -13.96 1.87 21.67
CA VAL B 16 -14.80 0.76 21.26
C VAL B 16 -14.04 -0.18 20.35
N MET B 17 -14.26 -1.48 20.54
CA MET B 17 -13.61 -2.50 19.73
C MET B 17 -14.63 -3.06 18.75
N LEU B 18 -14.27 -3.09 17.46
CA LEU B 18 -15.16 -3.64 16.45
C LEU B 18 -14.66 -5.03 16.10
N PHE B 19 -15.50 -6.03 16.31
CA PHE B 19 -15.15 -7.42 16.06
C PHE B 19 -15.92 -8.10 14.96
N ARG B 20 -15.22 -8.94 14.21
CA ARG B 20 -15.90 -9.74 13.20
C ARG B 20 -16.38 -10.91 14.07
N LYS B 21 -17.61 -11.38 13.89
CA LYS B 21 -18.07 -12.49 14.75
C LYS B 21 -17.36 -13.81 14.50
N SER B 22 -17.38 -14.30 13.26
CA SER B 22 -16.75 -15.57 12.96
C SER B 22 -16.08 -15.57 11.61
N PRO B 23 -14.77 -15.84 11.59
CA PRO B 23 -13.93 -16.11 12.76
C PRO B 23 -13.79 -14.89 13.67
N GLN B 24 -13.82 -15.10 14.98
CA GLN B 24 -13.69 -14.02 15.96
C GLN B 24 -12.43 -13.26 15.63
N GLU B 25 -12.53 -11.93 15.51
CA GLU B 25 -11.37 -11.16 15.10
C GLU B 25 -11.55 -9.67 15.38
N LEU B 26 -10.51 -9.05 15.94
CA LEU B 26 -10.54 -7.61 16.19
C LEU B 26 -10.29 -6.96 14.84
N LEU B 27 -11.27 -6.22 14.34
CA LEU B 27 -11.16 -5.60 13.03
C LEU B 27 -10.68 -4.15 13.04
N CYS B 28 -11.20 -3.35 13.97
CA CYS B 28 -10.88 -1.94 14.01
C CYS B 28 -11.18 -1.30 15.36
N GLY B 29 -10.85 -0.02 15.48
CA GLY B 29 -11.15 0.73 16.68
C GLY B 29 -12.44 1.47 16.33
N ALA B 30 -13.03 2.14 17.31
CA ALA B 30 -14.25 2.92 17.13
C ALA B 30 -14.47 3.74 18.39
N SER B 31 -15.37 4.71 18.34
CA SER B 31 -15.63 5.51 19.54
C SER B 31 -17.11 5.67 19.88
N LEU B 32 -17.40 5.83 21.17
CA LEU B 32 -18.76 6.00 21.64
C LEU B 32 -19.06 7.49 21.70
N ILE B 33 -20.09 7.94 20.97
CA ILE B 33 -20.43 9.37 21.01
C ILE B 33 -21.78 9.61 21.69
N SER B 34 -22.47 8.51 22.03
CA SER B 34 -23.76 8.56 22.72
C SER B 34 -24.05 7.11 23.12
N ASP B 35 -25.07 6.90 23.93
CA ASP B 35 -25.39 5.54 24.37
C ASP B 35 -25.88 4.61 23.25
N ARG B 36 -26.18 5.17 22.08
CA ARG B 36 -26.67 4.34 20.98
C ARG B 36 -25.86 4.48 19.70
N TRP B 37 -24.86 5.36 19.70
CA TRP B 37 -24.07 5.57 18.50
C TRP B 37 -22.57 5.39 18.66
N VAL B 38 -21.98 4.76 17.66
CA VAL B 38 -20.55 4.50 17.63
C VAL B 38 -20.01 5.03 16.33
N LEU B 39 -18.86 5.69 16.41
CA LEU B 39 -18.22 6.30 15.25
C LEU B 39 -17.00 5.46 14.88
N THR B 40 -16.70 5.35 13.60
CA THR B 40 -15.55 4.57 13.15
C THR B 40 -15.25 4.96 11.71
N ALA B 41 -14.26 4.33 11.09
CA ALA B 41 -13.92 4.64 9.70
C ALA B 41 -14.78 3.81 8.75
N ALA B 42 -15.11 4.36 7.58
CA ALA B 42 -15.94 3.61 6.64
C ALA B 42 -15.17 2.43 6.02
N HIS B 43 -13.87 2.60 5.78
CA HIS B 43 -13.09 1.51 5.18
C HIS B 43 -13.07 0.25 6.06
N CYS B 44 -13.46 0.40 7.33
CA CYS B 44 -13.51 -0.74 8.25
C CYS B 44 -14.75 -1.59 7.99
N LEU B 45 -15.76 -0.99 7.38
CA LEU B 45 -16.99 -1.70 7.11
C LEU B 45 -17.10 -2.06 5.65
N LEU B 46 -16.53 -1.22 4.80
CA LEU B 46 -16.62 -1.46 3.37
C LEU B 46 -15.34 -1.11 2.63
N TYR B 47 -14.64 -2.13 2.17
CA TYR B 47 -13.41 -1.94 1.44
C TYR B 47 -13.11 -3.17 0.59
N PRO B 48 -13.76 -3.29 -0.57
CA PRO B 48 -13.61 -4.39 -1.52
C PRO B 48 -12.19 -4.84 -1.85
N PRO B 49 -11.23 -3.90 -1.95
CA PRO B 49 -9.86 -4.30 -2.26
C PRO B 49 -9.33 -5.35 -1.26
N TRP B 50 -9.93 -5.37 -0.06
CA TRP B 50 -9.56 -6.31 0.98
C TRP B 50 -10.73 -7.25 1.16
N ASP B 51 -11.60 -7.28 0.16
CA ASP B 51 -12.80 -8.10 0.14
C ASP B 51 -13.49 -7.95 1.50
N LYS B 52 -13.59 -6.70 1.93
CA LYS B 52 -14.22 -6.35 3.19
C LYS B 52 -15.56 -5.66 2.85
N ASN B 53 -16.66 -6.33 3.17
CA ASN B 53 -17.99 -5.77 2.88
C ASN B 53 -18.97 -6.35 3.88
N PHE B 54 -18.91 -5.85 5.11
CA PHE B 54 -19.73 -6.34 6.20
C PHE B 54 -21.15 -5.84 6.30
N THR B 55 -21.99 -6.64 6.94
CA THR B 55 -23.39 -6.31 7.18
C THR B 55 -23.54 -6.38 8.71
N GLU B 56 -24.50 -5.65 9.26
CA GLU B 56 -24.74 -5.62 10.70
C GLU B 56 -24.53 -6.94 11.45
N ASN B 57 -25.04 -8.03 10.90
CA ASN B 57 -24.93 -9.31 11.59
C ASN B 57 -23.56 -9.96 11.67
N ASP B 58 -22.66 -9.60 10.77
CA ASP B 58 -21.31 -10.18 10.79
C ASP B 58 -20.55 -9.64 11.99
N LEU B 59 -20.90 -8.42 12.39
CA LEU B 59 -20.21 -7.70 13.44
C LEU B 59 -20.78 -7.64 14.84
N LEU B 60 -19.97 -7.06 15.71
CA LEU B 60 -20.28 -6.88 17.12
C LEU B 60 -19.24 -5.93 17.72
N VAL B 61 -19.58 -5.27 18.82
CA VAL B 61 -18.63 -4.36 19.44
C VAL B 61 -18.52 -4.59 20.93
N ARG B 62 -17.33 -4.36 21.47
CA ARG B 62 -17.12 -4.50 22.91
C ARG B 62 -16.70 -3.12 23.41
N ILE B 63 -17.39 -2.66 24.45
CA ILE B 63 -17.13 -1.36 25.04
C ILE B 63 -16.70 -1.51 26.49
N GLY B 64 -15.82 -0.63 26.94
CA GLY B 64 -15.36 -0.66 28.32
C GLY B 64 -14.24 -1.62 28.61
N LYS B 65 -13.57 -2.12 27.58
CA LYS B 65 -12.47 -3.05 27.79
C LYS B 65 -11.15 -2.37 28.07
N HIS B 66 -10.30 -3.05 28.83
CA HIS B 66 -8.98 -2.54 29.16
C HIS B 66 -7.92 -3.52 28.67
N SER B 67 -8.11 -4.80 29.01
CA SER B 67 -7.19 -5.85 28.62
C SER B 67 -7.89 -6.96 27.85
N ARG B 68 -7.30 -7.39 26.74
CA ARG B 68 -7.86 -8.46 25.94
C ARG B 68 -7.70 -9.80 26.64
N THR B 69 -6.50 -10.03 27.16
CA THR B 69 -6.19 -11.27 27.87
C THR B 69 -6.89 -11.27 29.23
N ARG B 70 -8.21 -11.08 29.21
CA ARG B 70 -9.02 -11.06 30.42
C ARG B 70 -10.43 -10.61 30.09
N TYR B 71 -11.40 -11.15 30.82
CA TYR B 71 -12.79 -10.76 30.62
C TYR B 71 -13.22 -9.97 31.83
N GLU B 72 -13.17 -8.64 31.72
CA GLU B 72 -13.55 -7.76 32.82
C GLU B 72 -15.05 -7.83 33.05
N ALA B 73 -15.48 -8.84 33.82
CA ALA B 73 -16.89 -9.05 34.11
C ALA B 73 -17.56 -7.86 34.77
N ASN B 74 -18.81 -7.61 34.37
CA ASN B 74 -19.59 -6.49 34.90
C ASN B 74 -18.98 -5.14 34.53
N ILE B 75 -17.90 -5.19 33.76
CA ILE B 75 -17.23 -3.97 33.32
C ILE B 75 -17.50 -3.82 31.82
N GLU B 76 -16.83 -4.65 31.02
CA GLU B 76 -17.01 -4.57 29.59
C GLU B 76 -18.43 -4.95 29.17
N LYS B 77 -18.87 -4.36 28.06
CA LYS B 77 -20.21 -4.60 27.52
C LYS B 77 -20.13 -4.96 26.05
N ILE B 78 -21.08 -5.74 25.60
CA ILE B 78 -21.14 -6.14 24.20
C ILE B 78 -22.41 -5.55 23.64
N SER B 79 -22.37 -5.18 22.37
CA SER B 79 -23.52 -4.59 21.72
C SER B 79 -23.58 -5.03 20.29
N MET B 80 -24.79 -5.35 19.85
CA MET B 80 -25.04 -5.77 18.48
C MET B 80 -25.34 -4.53 17.66
N LEU B 81 -25.16 -4.62 16.36
CA LEU B 81 -25.42 -3.50 15.48
C LEU B 81 -26.84 -3.53 14.96
N GLU B 82 -27.51 -2.39 14.95
CA GLU B 82 -28.85 -2.32 14.40
C GLU B 82 -28.71 -1.88 12.96
N LYS B 83 -27.94 -0.81 12.74
CA LYS B 83 -27.75 -0.30 11.39
C LYS B 83 -26.40 0.35 11.19
N ILE B 84 -25.83 0.13 10.01
CA ILE B 84 -24.55 0.70 9.63
C ILE B 84 -24.83 1.87 8.69
N TYR B 85 -24.13 2.99 8.89
CA TYR B 85 -24.30 4.14 8.02
C TYR B 85 -22.95 4.58 7.50
N ILE B 86 -22.74 4.41 6.21
CA ILE B 86 -21.49 4.81 5.60
C ILE B 86 -21.73 6.16 4.94
N HIS B 87 -20.74 7.04 4.99
CA HIS B 87 -20.91 8.34 4.38
C HIS B 87 -21.20 8.15 2.89
N PRO B 88 -22.25 8.81 2.38
CA PRO B 88 -22.66 8.72 0.98
C PRO B 88 -21.60 9.03 -0.08
N ARG B 89 -20.65 9.89 0.23
CA ARG B 89 -19.62 10.22 -0.75
C ARG B 89 -18.26 9.64 -0.40
N TYR B 90 -18.28 8.54 0.35
CA TYR B 90 -17.08 7.84 0.76
C TYR B 90 -16.37 7.25 -0.48
N ASN B 91 -15.08 7.59 -0.65
CA ASN B 91 -14.28 7.13 -1.78
C ASN B 91 -13.19 6.10 -1.46
N TRP B 92 -13.50 4.83 -1.70
CA TRP B 92 -12.52 3.80 -1.41
C TRP B 92 -11.66 3.54 -2.63
N ARG B 93 -12.19 3.86 -3.80
CA ARG B 93 -11.47 3.66 -5.06
C ARG B 93 -10.20 4.51 -5.18
N GLU B 94 -10.26 5.75 -4.71
CA GLU B 94 -9.08 6.62 -4.83
C GLU B 94 -8.20 6.84 -3.59
N ASN B 95 -8.62 7.73 -2.69
CA ASN B 95 -7.81 8.02 -1.52
C ASN B 95 -8.46 7.93 -0.14
N LEU B 96 -9.55 7.19 -0.02
CA LEU B 96 -10.19 7.05 1.29
C LEU B 96 -10.75 8.36 1.81
N ASP B 97 -11.15 9.23 0.89
CA ASP B 97 -11.72 10.53 1.24
C ASP B 97 -13.06 10.30 1.93
N ARG B 98 -13.32 11.08 2.98
CA ARG B 98 -14.56 10.98 3.75
C ARG B 98 -14.65 9.57 4.33
N ASP B 99 -13.58 9.13 4.98
CA ASP B 99 -13.56 7.81 5.57
C ASP B 99 -14.23 7.83 6.94
N ILE B 100 -15.56 7.88 6.92
CA ILE B 100 -16.31 7.94 8.15
C ILE B 100 -17.57 7.10 8.05
N ALA B 101 -17.96 6.52 9.17
CA ALA B 101 -19.14 5.68 9.24
C ALA B 101 -19.72 5.74 10.63
N LEU B 102 -21.03 5.54 10.72
CA LEU B 102 -21.72 5.53 12.00
C LEU B 102 -22.39 4.18 12.16
N MET B 103 -22.47 3.72 13.40
CA MET B 103 -23.11 2.45 13.70
C MET B 103 -24.07 2.65 14.87
N LYS B 104 -25.36 2.42 14.61
CA LYS B 104 -26.40 2.56 15.63
C LYS B 104 -26.51 1.23 16.33
N LEU B 105 -26.52 1.24 17.67
CA LEU B 105 -26.61 0.02 18.46
C LEU B 105 -28.02 -0.47 18.70
N LYS B 106 -28.20 -1.79 18.62
CA LYS B 106 -29.51 -2.41 18.85
C LYS B 106 -30.08 -1.93 20.18
N LYS B 107 -29.23 -1.90 21.20
CA LYS B 107 -29.65 -1.46 22.51
C LYS B 107 -28.66 -0.49 23.14
N PRO B 108 -29.18 0.54 23.83
CA PRO B 108 -28.35 1.56 24.48
C PRO B 108 -27.44 0.96 25.54
N VAL B 109 -26.15 1.27 25.45
CA VAL B 109 -25.19 0.75 26.41
C VAL B 109 -25.29 1.59 27.68
N ALA B 110 -25.00 0.99 28.82
CA ALA B 110 -25.09 1.69 30.09
C ALA B 110 -23.77 2.40 30.36
N PHE B 111 -23.82 3.69 30.64
CA PHE B 111 -22.59 4.40 30.94
C PHE B 111 -22.13 3.98 32.34
N SER B 112 -20.87 4.20 32.63
CA SER B 112 -20.32 3.84 33.92
C SER B 112 -18.97 4.52 34.01
N ASP B 113 -18.17 4.12 34.99
CA ASP B 113 -16.85 4.70 35.16
C ASP B 113 -15.94 4.38 33.98
N TYR B 114 -16.21 3.27 33.29
CA TYR B 114 -15.35 2.84 32.17
C TYR B 114 -15.94 3.03 30.79
N ILE B 115 -17.24 3.33 30.71
CA ILE B 115 -17.94 3.53 29.45
C ILE B 115 -18.55 4.92 29.50
N HIS B 116 -18.03 5.82 28.66
CA HIS B 116 -18.48 7.20 28.64
C HIS B 116 -18.24 7.82 27.26
N PRO B 117 -19.21 8.58 26.72
CA PRO B 117 -19.07 9.20 25.40
C PRO B 117 -18.05 10.34 25.27
N VAL B 118 -17.45 10.44 24.10
CA VAL B 118 -16.49 11.49 23.80
C VAL B 118 -17.29 12.62 23.12
N CYS B 119 -16.76 13.85 23.11
CA CYS B 119 -17.46 14.97 22.46
C CYS B 119 -17.03 15.14 21.03
N LEU B 120 -17.93 15.69 20.21
CA LEU B 120 -17.61 15.98 18.83
C LEU B 120 -17.26 17.46 18.84
N PRO B 121 -16.26 17.86 18.07
CA PRO B 121 -15.86 19.27 18.04
C PRO B 121 -16.87 20.28 17.51
N ASP B 122 -16.83 21.48 18.09
CA ASP B 122 -17.67 22.58 17.64
C ASP B 122 -16.68 23.42 16.82
N ARG B 123 -17.17 24.41 16.10
CA ARG B 123 -16.27 25.24 15.27
C ARG B 123 -15.13 25.93 16.04
N GLU B 124 -15.38 26.34 17.28
CA GLU B 124 -14.32 26.97 18.06
C GLU B 124 -13.20 25.98 18.40
N THR B 125 -13.57 24.77 18.82
CA THR B 125 -12.57 23.77 19.16
C THR B 125 -11.73 23.39 17.93
N ALA B 126 -12.38 23.23 16.78
CA ALA B 126 -11.69 22.86 15.57
C ALA B 126 -10.81 23.99 15.06
N ALA B 127 -11.30 25.22 15.13
CA ALA B 127 -10.52 26.34 14.65
C ALA B 127 -9.26 26.57 15.48
N SER B 128 -9.37 26.38 16.79
CA SER B 128 -8.22 26.63 17.64
C SER B 128 -7.30 25.46 17.89
N LEU B 129 -7.83 24.25 17.93
CA LEU B 129 -6.99 23.09 18.20
C LEU B 129 -6.37 22.40 16.99
N LEU B 130 -6.95 22.61 15.82
CA LEU B 130 -6.40 21.98 14.62
C LEU B 130 -5.27 22.83 14.03
N GLN B 131 -4.17 22.88 14.77
CA GLN B 131 -2.99 23.64 14.38
C GLN B 131 -1.81 22.69 14.28
N ALA B 132 -0.89 22.99 13.38
CA ALA B 132 0.30 22.17 13.21
C ALA B 132 1.11 22.29 14.49
N GLY B 133 1.52 21.15 15.05
CA GLY B 133 2.29 21.20 16.27
C GLY B 133 1.44 20.73 17.44
N TYR B 134 0.17 21.14 17.45
CA TYR B 134 -0.73 20.73 18.52
C TYR B 134 -0.87 19.21 18.51
N LYS B 135 -0.77 18.61 19.69
CA LYS B 135 -0.82 17.17 19.83
C LYS B 135 -2.19 16.62 20.20
N GLY B 136 -2.45 15.43 19.68
CA GLY B 136 -3.69 14.74 19.95
C GLY B 136 -3.32 13.37 20.46
N ARG B 137 -4.30 12.61 20.92
CA ARG B 137 -4.06 11.28 21.45
C ARG B 137 -4.74 10.18 20.65
N VAL B 138 -3.96 9.22 20.17
CA VAL B 138 -4.51 8.10 19.42
C VAL B 138 -4.43 6.84 20.29
N THR B 139 -5.53 6.08 20.36
CA THR B 139 -5.55 4.88 21.18
C THR B 139 -6.19 3.69 20.47
N GLY B 140 -5.66 2.50 20.73
CA GLY B 140 -6.20 1.30 20.12
C GLY B 140 -5.50 0.02 20.55
N TRP B 141 -5.98 -1.11 20.02
CA TRP B 141 -5.42 -2.42 20.34
C TRP B 141 -4.70 -3.04 19.16
N GLY B 142 -4.44 -2.23 18.14
CA GLY B 142 -3.77 -2.71 16.95
C GLY B 142 -2.35 -3.18 17.18
N ASN B 143 -1.71 -3.67 16.13
CA ASN B 143 -0.35 -4.17 16.19
C ASN B 143 0.64 -3.21 16.83
N LEU B 144 1.64 -3.77 17.50
CA LEU B 144 2.67 -2.98 18.15
C LEU B 144 3.80 -2.63 17.23
N LYS B 145 3.78 -3.18 16.01
CA LYS B 145 4.83 -2.91 15.05
C LYS B 145 4.42 -3.38 13.66
N GLU B 146 5.05 -2.81 12.63
CA GLU B 146 4.76 -3.18 11.25
C GLU B 146 5.47 -4.48 10.88
N THR B 147 5.26 -5.51 11.70
CA THR B 147 5.89 -6.81 11.45
C THR B 147 5.09 -7.98 12.03
N LYS B 154 4.02 -12.61 19.42
CA LYS B 154 2.72 -11.98 19.22
C LYS B 154 2.79 -10.71 18.37
N GLY B 155 2.96 -9.57 19.03
CA GLY B 155 3.01 -8.29 18.33
C GLY B 155 1.71 -7.55 18.58
N GLN B 156 0.81 -8.20 19.30
CA GLN B 156 -0.49 -7.64 19.63
C GLN B 156 -0.55 -7.40 21.14
N PRO B 157 -0.79 -6.14 21.57
CA PRO B 157 -0.87 -5.80 22.99
C PRO B 157 -1.99 -6.50 23.75
N SER B 158 -1.86 -6.49 25.08
CA SER B 158 -2.85 -7.12 25.95
C SER B 158 -3.68 -6.03 26.61
N VAL B 159 -3.11 -4.84 26.72
CA VAL B 159 -3.78 -3.70 27.32
C VAL B 159 -3.86 -2.56 26.31
N LEU B 160 -4.94 -1.80 26.39
CA LEU B 160 -5.13 -0.66 25.49
C LEU B 160 -3.90 0.22 25.45
N GLN B 161 -3.43 0.51 24.24
CA GLN B 161 -2.25 1.34 24.01
C GLN B 161 -2.62 2.79 23.75
N VAL B 162 -1.71 3.70 24.08
CA VAL B 162 -1.97 5.11 23.88
C VAL B 162 -0.69 5.86 23.48
N VAL B 163 -0.84 6.79 22.56
CA VAL B 163 0.27 7.58 22.11
C VAL B 163 -0.20 8.97 21.70
N ASN B 164 0.63 9.97 21.97
CA ASN B 164 0.29 11.34 21.64
C ASN B 164 1.08 11.79 20.44
N LEU B 165 0.38 12.31 19.43
CA LEU B 165 1.05 12.73 18.22
C LEU B 165 0.72 14.17 17.87
N PRO B 166 1.68 14.88 17.27
CA PRO B 166 1.45 16.27 16.87
C PRO B 166 0.87 16.37 15.47
N ILE B 167 -0.03 17.32 15.27
CA ILE B 167 -0.64 17.53 13.95
C ILE B 167 0.47 18.12 13.08
N VAL B 168 0.42 17.79 11.79
CA VAL B 168 1.44 18.24 10.86
C VAL B 168 0.92 19.21 9.80
N GLU B 169 1.81 20.12 9.39
CA GLU B 169 1.48 21.13 8.38
C GLU B 169 1.05 20.40 7.11
N ARG B 170 -0.02 20.90 6.50
CA ARG B 170 -0.57 20.31 5.29
C ARG B 170 0.51 20.08 4.23
N PRO B 171 1.39 21.08 4.01
CA PRO B 171 2.47 20.93 3.02
C PRO B 171 3.37 19.73 3.26
N VAL B 172 3.72 19.47 4.51
CA VAL B 172 4.56 18.33 4.82
C VAL B 172 3.81 17.03 4.53
N CYS B 173 2.52 16.98 4.87
CA CYS B 173 1.68 15.80 4.62
C CYS B 173 1.65 15.55 3.13
N LYS B 174 1.19 16.56 2.39
CA LYS B 174 1.07 16.48 0.94
C LYS B 174 2.33 15.95 0.26
N ASP B 175 3.48 16.46 0.66
CA ASP B 175 4.75 16.04 0.06
C ASP B 175 5.26 14.72 0.64
N SER B 176 4.62 14.21 1.68
CA SER B 176 5.07 12.98 2.30
C SER B 176 4.61 11.71 1.58
N THR B 177 3.70 11.87 0.62
CA THR B 177 3.18 10.72 -0.11
C THR B 177 2.77 11.07 -1.52
N ARG B 178 2.77 10.05 -2.39
CA ARG B 178 2.40 10.22 -3.78
C ARG B 178 0.88 10.20 -3.85
N ILE B 179 0.28 9.72 -2.76
CA ILE B 179 -1.17 9.64 -2.67
C ILE B 179 -1.79 11.03 -2.51
N ARG B 180 -2.72 11.36 -3.41
CA ARG B 180 -3.37 12.64 -3.35
C ARG B 180 -4.22 12.72 -2.09
N ILE B 181 -4.03 13.76 -1.29
CA ILE B 181 -4.81 13.90 -0.06
C ILE B 181 -5.84 15.00 -0.26
N THR B 182 -6.90 14.99 0.54
CA THR B 182 -7.96 16.00 0.43
C THR B 182 -8.08 16.79 1.72
N ASP B 183 -8.97 17.77 1.72
CA ASP B 183 -9.18 18.59 2.90
C ASP B 183 -10.03 17.90 3.97
N ASN B 184 -10.50 16.70 3.68
CA ASN B 184 -11.30 15.98 4.65
C ASN B 184 -10.42 15.08 5.51
N MET B 185 -9.11 15.23 5.35
CA MET B 185 -8.17 14.45 6.13
C MET B 185 -7.01 15.30 6.60
N PHE B 186 -6.47 14.97 7.77
CA PHE B 186 -5.32 15.71 8.28
C PHE B 186 -4.32 14.65 8.70
N CYS B 187 -3.04 14.99 8.74
CA CYS B 187 -2.08 13.99 9.12
C CYS B 187 -1.42 14.32 10.45
N ALA B 188 -0.80 13.33 11.08
CA ALA B 188 -0.16 13.56 12.36
C ALA B 188 1.02 12.63 12.53
N GLY B 189 1.93 12.97 13.43
CA GLY B 189 3.10 12.13 13.64
C GLY B 189 4.36 12.98 13.71
N TYR B 190 5.37 12.49 14.42
CA TYR B 190 6.62 13.22 14.55
C TYR B 190 7.42 13.14 13.25
N LYS B 191 8.20 14.18 12.97
CA LYS B 191 9.02 14.24 11.77
C LYS B 191 10.31 13.46 11.99
N PRO B 192 10.96 13.04 10.89
CA PRO B 192 12.21 12.28 11.07
C PRO B 192 13.19 13.16 11.83
N ASP B 193 13.74 12.63 12.91
CA ASP B 193 14.70 13.38 13.71
C ASP B 193 14.06 14.44 14.58
N GLU B 194 13.08 14.05 15.38
CA GLU B 194 12.44 14.96 16.32
C GLU B 194 12.68 14.32 17.67
N GLY B 195 13.21 13.10 17.62
CA GLY B 195 13.52 12.36 18.83
C GLY B 195 12.44 11.36 19.15
N LYS B 196 11.19 11.77 19.01
CA LYS B 196 10.06 10.89 19.32
C LYS B 196 9.50 10.17 18.10
N ARG B 197 8.69 9.16 18.39
CA ARG B 197 8.05 8.35 17.37
C ARG B 197 6.66 7.95 17.85
N GLY B 198 6.01 7.07 17.09
CA GLY B 198 4.69 6.61 17.45
C GLY B 198 3.77 6.72 16.25
N ASP B 199 2.79 5.83 16.19
CA ASP B 199 1.84 5.81 15.09
C ASP B 199 0.79 4.75 15.35
N ALA B 200 -0.28 4.80 14.58
CA ALA B 200 -1.32 3.80 14.70
C ALA B 200 -0.88 2.68 13.76
N CYS B 201 -1.37 1.48 13.98
CA CYS B 201 -0.99 0.39 13.09
C CYS B 201 -2.24 -0.46 12.78
N GLU B 202 -2.08 -1.42 11.88
CA GLU B 202 -3.21 -2.26 11.51
C GLU B 202 -3.92 -2.78 12.75
N GLY B 203 -5.18 -2.41 12.92
CA GLY B 203 -5.92 -2.84 14.08
C GLY B 203 -6.43 -1.64 14.86
N ASP B 204 -5.81 -0.48 14.62
CA ASP B 204 -6.23 0.75 15.30
C ASP B 204 -7.17 1.59 14.43
N SER B 205 -7.22 1.28 13.14
CA SER B 205 -8.08 2.00 12.21
C SER B 205 -9.50 2.17 12.76
N GLY B 206 -10.09 3.32 12.51
CA GLY B 206 -11.44 3.58 12.98
C GLY B 206 -11.41 4.11 14.40
N GLY B 207 -10.27 3.95 15.07
CA GLY B 207 -10.14 4.43 16.43
C GLY B 207 -10.13 5.94 16.45
N PRO B 208 -10.27 6.54 17.62
CA PRO B 208 -10.27 8.00 17.72
C PRO B 208 -8.94 8.69 17.98
N PHE B 209 -8.85 9.91 17.47
CA PHE B 209 -7.70 10.79 17.65
C PHE B 209 -8.37 11.90 18.46
N VAL B 210 -8.06 11.99 19.75
CA VAL B 210 -8.70 13.00 20.58
C VAL B 210 -7.78 14.09 21.06
N MET B 211 -8.36 15.17 21.56
CA MET B 211 -7.63 16.32 22.07
C MET B 211 -8.40 16.83 23.26
N LYS B 212 -7.71 17.37 24.25
CA LYS B 212 -8.42 17.88 25.43
C LYS B 212 -8.48 19.39 25.37
N SER B 213 -9.70 19.92 25.28
CA SER B 213 -9.88 21.36 25.20
C SER B 213 -9.39 22.07 26.46
N PRO B 214 -8.51 23.06 26.28
CA PRO B 214 -7.99 23.80 27.42
C PRO B 214 -8.98 24.90 27.81
N PHE B 215 -10.14 24.92 27.13
CA PHE B 215 -11.17 25.93 27.37
C PHE B 215 -12.31 25.45 28.26
N ASN B 216 -12.57 24.13 28.27
CA ASN B 216 -13.65 23.56 29.08
C ASN B 216 -13.24 22.19 29.61
N ASN B 217 -11.97 21.87 29.42
CA ASN B 217 -11.41 20.60 29.85
C ASN B 217 -12.23 19.36 29.48
N ARG B 218 -12.82 19.38 28.29
CA ARG B 218 -13.57 18.24 27.80
C ARG B 218 -12.73 17.60 26.70
N TRP B 219 -12.91 16.29 26.51
CA TRP B 219 -12.18 15.60 25.45
C TRP B 219 -12.99 15.62 24.16
N TYR B 220 -12.34 16.02 23.07
CA TYR B 220 -12.97 16.11 21.77
C TYR B 220 -12.28 15.23 20.74
N GLN B 221 -13.07 14.45 20.01
CA GLN B 221 -12.52 13.62 18.97
C GLN B 221 -12.43 14.47 17.70
N MET B 222 -11.20 14.77 17.28
CA MET B 222 -10.93 15.57 16.10
C MET B 222 -10.68 14.66 14.90
N GLY B 223 -10.21 13.45 15.16
CA GLY B 223 -9.94 12.57 14.04
C GLY B 223 -10.41 11.14 14.17
N ILE B 224 -10.25 10.40 13.08
CA ILE B 224 -10.58 8.98 13.02
C ILE B 224 -9.36 8.38 12.31
N VAL B 225 -8.72 7.39 12.92
CA VAL B 225 -7.56 6.77 12.30
C VAL B 225 -8.05 6.29 10.95
N SER B 226 -7.35 6.68 9.88
CA SER B 226 -7.80 6.31 8.57
C SER B 226 -6.82 5.44 7.81
N TRP B 227 -5.68 6.01 7.44
CA TRP B 227 -4.72 5.22 6.70
C TRP B 227 -3.31 5.73 6.84
N GLY B 228 -2.39 4.95 6.27
CA GLY B 228 -0.99 5.29 6.30
C GLY B 228 -0.25 4.32 5.41
N GLU B 229 1.01 4.62 5.15
CA GLU B 229 1.84 3.74 4.34
C GLU B 229 2.81 3.11 5.31
N GLY B 230 2.43 1.95 5.83
CA GLY B 230 3.25 1.29 6.82
C GLY B 230 2.89 1.83 8.18
N CYS B 231 3.68 1.47 9.19
CA CYS B 231 3.46 1.93 10.55
C CYS B 231 4.72 2.54 11.13
N ASP B 232 4.63 3.82 11.52
CA ASP B 232 5.75 4.52 12.13
C ASP B 232 7.04 4.51 11.31
N ARG B 233 6.94 4.92 10.06
CA ARG B 233 8.10 4.98 9.18
C ARG B 233 8.57 6.43 9.12
N ASP B 234 9.88 6.61 8.97
CA ASP B 234 10.43 7.96 8.89
C ASP B 234 9.99 8.64 7.60
N GLY B 235 9.58 9.90 7.68
CA GLY B 235 9.15 10.61 6.49
C GLY B 235 7.68 10.42 6.16
N LYS B 236 7.06 9.41 6.76
CA LYS B 236 5.65 9.14 6.54
C LYS B 236 4.84 9.56 7.76
N TYR B 237 3.57 9.86 7.54
CA TYR B 237 2.69 10.28 8.61
C TYR B 237 1.36 9.53 8.51
N GLY B 238 0.65 9.43 9.62
CA GLY B 238 -0.63 8.77 9.61
C GLY B 238 -1.68 9.78 9.20
N PHE B 239 -2.69 9.33 8.45
CA PHE B 239 -3.75 10.25 8.04
C PHE B 239 -5.03 9.98 8.79
N TYR B 240 -5.75 11.05 9.09
CA TYR B 240 -6.98 10.97 9.85
C TYR B 240 -8.15 11.69 9.20
N THR B 241 -9.34 11.11 9.35
CA THR B 241 -10.55 11.71 8.82
C THR B 241 -10.84 12.95 9.65
N HIS B 242 -10.95 14.08 8.97
CA HIS B 242 -11.22 15.34 9.62
C HIS B 242 -12.66 15.27 10.13
N VAL B 243 -12.85 14.96 11.40
CA VAL B 243 -14.20 14.83 11.95
C VAL B 243 -15.07 16.08 11.91
N PHE B 244 -14.50 17.24 12.19
CA PHE B 244 -15.32 18.45 12.18
C PHE B 244 -15.91 18.73 10.80
N ARG B 245 -15.07 18.71 9.77
CA ARG B 245 -15.54 18.97 8.43
C ARG B 245 -16.74 18.10 8.06
N LEU B 246 -16.80 16.90 8.63
CA LEU B 246 -17.90 15.99 8.32
C LEU B 246 -18.97 15.90 9.39
N LYS B 247 -18.92 16.81 10.36
CA LYS B 247 -19.89 16.76 11.45
C LYS B 247 -21.37 16.92 11.07
N LYS B 248 -21.66 17.73 10.05
CA LYS B 248 -23.05 17.93 9.64
C LYS B 248 -23.69 16.61 9.21
N TRP B 249 -22.91 15.76 8.55
CA TRP B 249 -23.43 14.46 8.12
C TRP B 249 -23.72 13.64 9.38
N ILE B 250 -22.78 13.65 10.31
CA ILE B 250 -22.95 12.91 11.56
C ILE B 250 -24.23 13.34 12.25
N GLN B 251 -24.42 14.65 12.39
CA GLN B 251 -25.61 15.20 13.04
C GLN B 251 -26.87 14.88 12.24
N LYS B 252 -26.75 14.88 10.91
CA LYS B 252 -27.89 14.58 10.06
C LYS B 252 -28.36 13.17 10.37
N VAL B 253 -27.44 12.21 10.26
CA VAL B 253 -27.75 10.82 10.54
C VAL B 253 -28.39 10.62 11.91
N ILE B 254 -27.77 11.15 12.95
CA ILE B 254 -28.31 10.97 14.29
C ILE B 254 -29.67 11.61 14.50
N ASP B 255 -29.88 12.81 13.96
CA ASP B 255 -31.16 13.48 14.11
C ASP B 255 -32.24 12.77 13.30
N GLN B 256 -31.96 12.54 12.03
CA GLN B 256 -32.93 11.91 11.15
C GLN B 256 -33.00 10.40 11.30
N PHE B 257 -31.84 9.75 11.42
CA PHE B 257 -31.70 8.30 11.54
C PHE B 257 -31.74 7.64 10.16
N PHE C 2 1.08 -14.71 -33.54
CA PHE C 2 2.09 -14.42 -34.61
C PHE C 2 3.39 -13.86 -34.00
N GLY C 3 3.76 -14.36 -32.81
CA GLY C 3 4.98 -13.89 -32.18
C GLY C 3 5.19 -14.16 -30.70
N SER C 4 6.06 -15.11 -30.38
CA SER C 4 6.38 -15.41 -29.00
C SER C 4 7.88 -15.13 -28.95
N GLY C 5 8.24 -13.88 -28.72
CA GLY C 5 9.64 -13.53 -28.69
C GLY C 5 10.20 -13.59 -30.10
N GLU C 6 10.73 -12.46 -30.56
CA GLU C 6 11.33 -12.31 -31.88
C GLU C 6 12.39 -13.37 -32.19
N ALA C 7 12.98 -13.32 -33.39
CA ALA C 7 13.97 -14.32 -33.79
C ALA C 7 15.24 -14.37 -32.95
N ASP C 8 15.80 -13.20 -32.71
CA ASP C 8 17.04 -13.11 -31.96
C ASP C 8 16.81 -12.71 -30.51
N CYS C 9 15.55 -12.60 -30.11
CA CYS C 9 15.21 -12.19 -28.76
C CYS C 9 15.84 -13.02 -27.63
N GLY C 10 16.04 -12.38 -26.49
CA GLY C 10 16.58 -13.07 -25.35
C GLY C 10 18.03 -13.54 -25.35
N LEU C 11 18.74 -13.31 -26.45
CA LEU C 11 20.15 -13.70 -26.53
C LEU C 11 21.00 -12.44 -26.49
N ARG C 12 21.58 -12.17 -25.32
CA ARG C 12 22.39 -10.97 -25.11
C ARG C 12 23.68 -10.93 -25.91
N PRO C 13 23.86 -9.87 -26.72
CA PRO C 13 25.05 -9.68 -27.56
C PRO C 13 26.38 -9.87 -26.83
N LEU C 14 26.48 -9.34 -25.62
CA LEU C 14 27.70 -9.41 -24.83
C LEU C 14 27.79 -10.63 -23.94
N PHE C 15 26.83 -11.54 -24.04
CA PHE C 15 26.88 -12.74 -23.21
C PHE C 15 26.62 -14.03 -23.96
N GLU C 16 25.36 -14.46 -24.04
CA GLU C 16 25.07 -15.69 -24.78
C GLU C 16 25.81 -15.69 -26.11
N LYS C 17 25.69 -14.60 -26.86
CA LYS C 17 26.34 -14.46 -28.17
C LYS C 17 27.86 -14.63 -28.14
N LYS C 18 28.47 -14.41 -26.99
CA LYS C 18 29.92 -14.53 -26.87
C LYS C 18 30.28 -15.68 -25.94
N SER C 19 29.39 -16.66 -25.83
CA SER C 19 29.60 -17.80 -24.96
C SER C 19 30.07 -17.40 -23.56
N LEU C 20 29.67 -16.20 -23.15
CA LEU C 20 30.02 -15.68 -21.84
C LEU C 20 28.79 -15.67 -20.94
N GLU C 21 29.02 -15.76 -19.63
CA GLU C 21 27.94 -15.77 -18.63
C GLU C 21 28.08 -14.59 -17.69
N ASP C 22 26.97 -14.17 -17.09
CA ASP C 22 27.03 -13.08 -16.13
C ASP C 22 27.24 -13.71 -14.76
N LYS C 23 27.62 -12.90 -13.78
CA LYS C 23 27.92 -13.38 -12.44
C LYS C 23 26.85 -14.14 -11.65
N THR C 24 25.58 -14.06 -12.05
CA THR C 24 24.56 -14.75 -11.26
C THR C 24 23.57 -15.63 -12.00
N GLU C 25 23.70 -15.76 -13.31
CA GLU C 25 22.74 -16.59 -14.01
C GLU C 25 22.74 -18.02 -13.51
N ARG C 26 23.84 -18.46 -12.92
CA ARG C 26 23.92 -19.82 -12.41
C ARG C 26 22.93 -20.08 -11.28
N GLU C 27 22.69 -19.05 -10.47
CA GLU C 27 21.76 -19.14 -9.35
C GLU C 27 20.36 -19.50 -9.84
N LEU C 28 19.95 -18.89 -10.95
CA LEU C 28 18.63 -19.19 -11.52
C LEU C 28 18.57 -20.63 -11.99
N LEU C 29 19.55 -21.02 -12.77
CA LEU C 29 19.63 -22.37 -13.32
C LEU C 29 19.55 -23.43 -12.23
N GLU C 30 20.17 -23.17 -11.07
CA GLU C 30 20.16 -24.12 -9.98
C GLU C 30 18.87 -24.18 -9.19
N SER C 31 17.94 -23.27 -9.48
CA SER C 31 16.67 -23.26 -8.78
C SER C 31 15.64 -24.12 -9.50
N TYR C 32 15.95 -24.58 -10.70
CA TYR C 32 15.01 -25.40 -11.45
C TYR C 32 14.94 -26.80 -10.86
N ILE C 33 14.00 -26.94 -9.92
CA ILE C 33 13.78 -28.15 -9.12
C ILE C 33 15.14 -28.47 -8.51
N ASP C 34 15.52 -27.66 -7.52
CA ASP C 34 16.78 -27.74 -6.80
C ASP C 34 17.91 -28.44 -7.56
N ILE D 1 15.86 -1.01 -6.39
CA ILE D 1 15.92 -2.43 -5.97
C ILE D 1 16.64 -2.57 -4.64
N VAL D 2 15.96 -3.19 -3.68
CA VAL D 2 16.49 -3.39 -2.34
C VAL D 2 17.30 -4.69 -2.27
N GLU D 3 18.44 -4.64 -1.58
CA GLU D 3 19.32 -5.80 -1.40
C GLU D 3 19.73 -6.47 -2.71
N GLY D 4 19.97 -5.65 -3.72
CA GLY D 4 20.39 -6.19 -5.00
C GLY D 4 21.87 -5.90 -5.15
N SER D 5 22.36 -5.90 -6.38
CA SER D 5 23.76 -5.61 -6.60
C SER D 5 23.93 -4.99 -7.97
N ASP D 6 25.07 -4.36 -8.20
CA ASP D 6 25.34 -3.74 -9.49
C ASP D 6 25.22 -4.77 -10.60
N ALA D 7 24.81 -4.30 -11.77
CA ALA D 7 24.64 -5.18 -12.91
C ALA D 7 25.82 -4.99 -13.85
N GLU D 8 26.16 -6.05 -14.59
CA GLU D 8 27.27 -5.96 -15.53
C GLU D 8 26.79 -5.25 -16.78
N ILE D 9 27.73 -4.66 -17.51
CA ILE D 9 27.40 -3.98 -18.74
C ILE D 9 26.82 -4.98 -19.74
N GLY D 10 25.71 -4.61 -20.38
CA GLY D 10 25.07 -5.48 -21.35
C GLY D 10 24.33 -6.68 -20.76
N MET D 11 24.16 -6.69 -19.44
CA MET D 11 23.48 -7.79 -18.76
C MET D 11 21.96 -7.80 -18.97
N SER D 12 21.39 -6.62 -19.18
CA SER D 12 19.95 -6.48 -19.40
C SER D 12 19.70 -5.46 -20.51
N PRO D 13 20.13 -5.79 -21.74
CA PRO D 13 19.99 -4.91 -22.90
C PRO D 13 18.57 -4.52 -23.32
N TRP D 14 17.58 -5.12 -22.66
CA TRP D 14 16.19 -4.82 -22.98
C TRP D 14 15.60 -3.91 -21.92
N GLN D 15 16.44 -3.47 -20.98
CA GLN D 15 16.00 -2.59 -19.91
C GLN D 15 15.62 -1.24 -20.50
N VAL D 16 14.52 -0.70 -20.03
CA VAL D 16 14.05 0.59 -20.51
C VAL D 16 13.64 1.48 -19.34
N MET D 17 14.00 2.75 -19.43
CA MET D 17 13.68 3.73 -18.40
C MET D 17 12.55 4.62 -18.91
N LEU D 18 11.48 4.73 -18.13
CA LEU D 18 10.36 5.57 -18.50
C LEU D 18 10.45 6.87 -17.71
N PHE D 19 10.59 7.97 -18.43
CA PHE D 19 10.74 9.28 -17.80
C PHE D 19 9.60 10.24 -18.03
N ARG D 20 9.29 11.02 -17.00
CA ARG D 20 8.30 12.07 -17.14
C ARG D 20 9.18 13.20 -17.71
N LYS D 21 8.72 13.91 -18.73
CA LYS D 21 9.56 14.96 -19.29
C LYS D 21 9.82 16.15 -18.36
N SER D 22 8.76 16.78 -17.88
CA SER D 22 8.94 17.93 -17.00
C SER D 22 7.90 17.99 -15.89
N PRO D 23 8.36 17.98 -14.63
CA PRO D 23 9.76 17.92 -14.24
C PRO D 23 10.42 16.58 -14.61
N GLN D 24 11.68 16.62 -15.07
CA GLN D 24 12.40 15.41 -15.45
C GLN D 24 12.35 14.45 -14.28
N GLU D 25 11.96 13.21 -14.51
CA GLU D 25 11.80 12.28 -13.42
C GLU D 25 11.72 10.83 -13.91
N LEU D 26 12.45 9.94 -13.24
CA LEU D 26 12.41 8.52 -13.57
C LEU D 26 11.12 8.01 -12.95
N LEU D 27 10.18 7.59 -13.78
CA LEU D 27 8.88 7.11 -13.29
C LEU D 27 8.78 5.61 -13.06
N CYS D 28 9.31 4.82 -13.99
CA CYS D 28 9.17 3.38 -13.92
C CYS D 28 10.20 2.64 -14.77
N GLY D 29 10.16 1.31 -14.68
CA GLY D 29 11.02 0.50 -15.51
C GLY D 29 10.15 0.08 -16.67
N ALA D 30 10.74 -0.59 -17.66
CA ALA D 30 10.02 -1.06 -18.84
C ALA D 30 10.96 -1.98 -19.61
N SER D 31 10.44 -2.73 -20.58
CA SER D 31 11.29 -3.61 -21.36
C SER D 31 11.10 -3.50 -22.87
N LEU D 32 12.16 -3.78 -23.61
CA LEU D 32 12.12 -3.73 -25.06
C LEU D 32 11.79 -5.13 -25.57
N ILE D 33 10.71 -5.27 -26.33
CA ILE D 33 10.35 -6.58 -26.87
C ILE D 33 10.48 -6.62 -28.40
N SER D 34 10.77 -5.46 -28.99
CA SER D 34 10.99 -5.32 -30.44
C SER D 34 11.55 -3.93 -30.64
N ASP D 35 11.98 -3.61 -31.85
CA ASP D 35 12.57 -2.29 -32.10
C ASP D 35 11.56 -1.14 -32.04
N ARG D 36 10.27 -1.46 -31.96
CA ARG D 36 9.26 -0.41 -31.90
C ARG D 36 8.33 -0.54 -30.70
N TRP D 37 8.47 -1.61 -29.93
CA TRP D 37 7.59 -1.80 -28.79
C TRP D 37 8.25 -1.96 -27.44
N VAL D 38 7.63 -1.34 -26.44
CA VAL D 38 8.12 -1.38 -25.08
C VAL D 38 6.99 -1.84 -24.20
N LEU D 39 7.31 -2.73 -23.26
CA LEU D 39 6.32 -3.28 -22.33
C LEU D 39 6.54 -2.65 -20.97
N THR D 40 5.47 -2.47 -20.20
CA THR D 40 5.59 -1.87 -18.87
C THR D 40 4.26 -2.11 -18.14
N ALA D 41 4.15 -1.63 -16.91
CA ALA D 41 2.92 -1.81 -16.14
C ALA D 41 1.92 -0.70 -16.50
N ALA D 42 0.62 -1.01 -16.45
CA ALA D 42 -0.38 0.00 -16.78
C ALA D 42 -0.47 1.07 -15.69
N HIS D 43 -0.31 0.67 -14.43
CA HIS D 43 -0.40 1.65 -13.34
C HIS D 43 0.68 2.74 -13.44
N CYS D 44 1.70 2.52 -14.27
CA CYS D 44 2.76 3.52 -14.49
C CYS D 44 2.28 4.63 -15.41
N LEU D 45 1.29 4.32 -16.24
CA LEU D 45 0.76 5.30 -17.16
C LEU D 45 -0.56 5.87 -16.68
N LEU D 46 -1.34 5.04 -15.99
CA LEU D 46 -2.64 5.49 -15.53
C LEU D 46 -2.97 5.00 -14.14
N TYR D 47 -2.97 5.92 -13.19
CA TYR D 47 -3.29 5.58 -11.82
C TYR D 47 -3.71 6.81 -11.04
N PRO D 48 -4.98 7.23 -11.23
CA PRO D 48 -5.59 8.40 -10.59
C PRO D 48 -5.36 8.57 -9.09
N PRO D 49 -5.32 7.47 -8.31
CA PRO D 49 -5.08 7.63 -6.87
C PRO D 49 -3.78 8.39 -6.58
N TRP D 50 -2.87 8.38 -7.55
CA TRP D 50 -1.60 9.08 -7.44
C TRP D 50 -1.62 10.21 -8.46
N ASP D 51 -2.84 10.55 -8.89
CA ASP D 51 -3.05 11.59 -9.87
C ASP D 51 -2.06 11.41 -11.01
N LYS D 52 -1.94 10.16 -11.45
CA LYS D 52 -1.05 9.76 -12.52
C LYS D 52 -1.92 9.44 -13.72
N ASN D 53 -1.87 10.31 -14.71
CA ASN D 53 -2.66 10.14 -15.92
C ASN D 53 -1.83 10.75 -17.07
N PHE D 54 -0.94 9.94 -17.65
CA PHE D 54 -0.08 10.43 -18.72
C PHE D 54 -0.55 10.19 -20.13
N THR D 55 -0.08 11.06 -21.02
CA THR D 55 -0.37 10.97 -22.45
C THR D 55 1.01 10.88 -23.12
N GLU D 56 1.05 10.32 -24.33
CA GLU D 56 2.31 10.14 -25.06
C GLU D 56 3.32 11.28 -24.95
N ASN D 57 2.86 12.51 -25.07
CA ASN D 57 3.78 13.64 -25.01
C ASN D 57 4.42 13.98 -23.67
N ASP D 58 3.80 13.57 -22.57
CA ASP D 58 4.37 13.85 -21.27
C ASP D 58 5.63 13.02 -21.06
N LEU D 59 5.66 11.86 -21.73
CA LEU D 59 6.72 10.88 -21.56
C LEU D 59 7.80 10.74 -22.59
N LEU D 60 8.78 9.91 -22.22
CA LEU D 60 9.94 9.62 -23.03
C LEU D 60 10.64 8.39 -22.43
N VAL D 61 11.41 7.68 -23.23
CA VAL D 61 12.14 6.53 -22.72
C VAL D 61 13.60 6.55 -23.11
N ARG D 62 14.45 6.03 -22.24
CA ARG D 62 15.87 5.92 -22.53
C ARG D 62 16.22 4.44 -22.53
N ILE D 63 16.88 3.99 -23.59
CA ILE D 63 17.25 2.60 -23.76
C ILE D 63 18.76 2.47 -23.87
N GLY D 64 19.29 1.38 -23.32
CA GLY D 64 20.73 1.14 -23.40
C GLY D 64 21.55 1.81 -22.33
N LYS D 65 20.92 2.28 -21.26
CA LYS D 65 21.65 2.94 -20.19
C LYS D 65 22.20 1.97 -19.16
N HIS D 66 23.33 2.36 -18.57
CA HIS D 66 23.97 1.57 -17.54
C HIS D 66 24.06 2.37 -16.25
N SER D 67 24.56 3.59 -16.37
CA SER D 67 24.71 4.49 -15.22
C SER D 67 23.98 5.81 -15.42
N ARG D 68 23.22 6.24 -14.42
CA ARG D 68 22.49 7.51 -14.50
C ARG D 68 23.46 8.68 -14.41
N THR D 69 24.38 8.59 -13.46
CA THR D 69 25.37 9.64 -13.24
C THR D 69 26.40 9.61 -14.38
N ARG D 70 25.90 9.68 -15.61
CA ARG D 70 26.76 9.69 -16.80
C ARG D 70 25.91 9.57 -18.04
N TYR D 71 26.37 10.19 -19.12
CA TYR D 71 25.65 10.13 -20.39
C TYR D 71 26.48 9.27 -21.34
N GLU D 72 26.14 7.99 -21.44
CA GLU D 72 26.86 7.08 -22.31
C GLU D 72 26.59 7.41 -23.78
N ALA D 73 27.34 8.39 -24.30
CA ALA D 73 27.19 8.84 -25.68
C ALA D 73 27.35 7.74 -26.71
N ASN D 74 26.52 7.79 -27.75
CA ASN D 74 26.55 6.80 -28.82
C ASN D 74 26.13 5.42 -28.34
N ILE D 75 25.80 5.34 -27.05
CA ILE D 75 25.37 4.09 -26.45
C ILE D 75 23.88 4.18 -26.17
N GLU D 76 23.51 4.96 -25.16
CA GLU D 76 22.12 5.11 -24.82
C GLU D 76 21.33 5.82 -25.93
N LYS D 77 20.05 5.48 -26.03
CA LYS D 77 19.17 6.06 -27.03
C LYS D 77 17.90 6.57 -26.37
N ILE D 78 17.30 7.58 -26.98
CA ILE D 78 16.07 8.15 -26.48
C ILE D 78 15.02 7.91 -27.53
N SER D 79 13.79 7.71 -27.07
CA SER D 79 12.71 7.47 -27.99
C SER D 79 11.44 8.10 -27.48
N MET D 80 10.69 8.71 -28.38
CA MET D 80 9.43 9.35 -28.05
C MET D 80 8.35 8.29 -28.23
N LEU D 81 7.21 8.51 -27.60
CA LEU D 81 6.11 7.58 -27.69
C LEU D 81 5.16 7.98 -28.81
N GLU D 82 4.71 7.00 -29.58
CA GLU D 82 3.76 7.29 -30.64
C GLU D 82 2.37 7.01 -30.07
N LYS D 83 2.23 5.86 -29.43
CA LYS D 83 0.95 5.47 -28.85
C LYS D 83 1.09 4.59 -27.60
N ILE D 84 0.20 4.85 -26.65
CA ILE D 84 0.16 4.10 -25.41
C ILE D 84 -1.03 3.15 -25.50
N TYR D 85 -0.83 1.89 -25.09
CA TYR D 85 -1.90 0.93 -25.09
C TYR D 85 -2.01 0.30 -23.72
N ILE D 86 -3.07 0.61 -23.01
CA ILE D 86 -3.28 0.06 -21.68
C ILE D 86 -4.20 -1.15 -21.87
N HIS D 87 -3.93 -2.23 -21.16
CA HIS D 87 -4.76 -3.42 -21.29
C HIS D 87 -6.23 -3.07 -21.08
N PRO D 88 -7.09 -3.48 -22.02
CA PRO D 88 -8.54 -3.23 -22.02
C PRO D 88 -9.28 -3.60 -20.74
N ARG D 89 -8.86 -4.68 -20.09
CA ARG D 89 -9.55 -5.07 -18.86
C ARG D 89 -8.88 -4.51 -17.62
N TYR D 90 -7.85 -3.69 -17.82
CA TYR D 90 -7.16 -3.07 -16.68
C TYR D 90 -8.13 -2.09 -16.05
N ASN D 91 -8.40 -2.24 -14.77
CA ASN D 91 -9.32 -1.33 -14.12
C ASN D 91 -8.64 -0.80 -12.88
N TRP D 92 -8.29 0.47 -12.88
CA TRP D 92 -7.61 1.02 -11.72
C TRP D 92 -8.57 1.11 -10.56
N ARG D 93 -9.87 1.04 -10.85
CA ARG D 93 -10.89 1.05 -9.80
C ARG D 93 -10.92 -0.33 -9.14
N GLU D 94 -9.74 -0.79 -8.69
CA GLU D 94 -9.56 -2.05 -7.99
C GLU D 94 -8.39 -2.94 -8.44
N ASN D 95 -7.87 -3.65 -7.44
CA ASN D 95 -6.76 -4.62 -7.50
C ASN D 95 -5.47 -4.44 -8.32
N LEU D 96 -5.55 -3.78 -9.47
CA LEU D 96 -4.36 -3.60 -10.31
C LEU D 96 -4.20 -4.86 -11.16
N ASP D 97 -5.30 -5.59 -11.28
CA ASP D 97 -5.37 -6.82 -12.06
C ASP D 97 -5.11 -6.47 -13.52
N ARG D 98 -4.40 -7.35 -14.23
CA ARG D 98 -4.08 -7.13 -15.63
C ARG D 98 -3.25 -5.84 -15.80
N ASP D 99 -2.30 -5.64 -14.88
CA ASP D 99 -1.44 -4.47 -14.87
C ASP D 99 -0.33 -4.55 -15.92
N ILE D 100 -0.70 -4.34 -17.18
CA ILE D 100 0.24 -4.40 -18.27
C ILE D 100 -0.12 -3.34 -19.31
N ALA D 101 0.88 -2.89 -20.06
CA ALA D 101 0.68 -1.85 -21.07
C ALA D 101 1.80 -1.89 -22.09
N LEU D 102 1.50 -1.43 -23.31
CA LEU D 102 2.49 -1.39 -24.37
C LEU D 102 2.74 0.06 -24.81
N MET D 103 3.88 0.30 -25.42
CA MET D 103 4.18 1.64 -25.89
C MET D 103 4.89 1.52 -27.21
N LYS D 104 4.26 2.08 -28.23
CA LYS D 104 4.81 2.05 -29.57
C LYS D 104 5.70 3.26 -29.67
N LEU D 105 6.93 3.07 -30.12
CA LEU D 105 7.90 4.15 -30.26
C LEU D 105 7.74 4.89 -31.59
N LYS D 106 7.96 6.21 -31.57
CA LYS D 106 7.83 7.01 -32.79
C LYS D 106 8.75 6.47 -33.88
N LYS D 107 9.98 6.19 -33.50
CA LYS D 107 10.96 5.66 -34.44
C LYS D 107 11.64 4.42 -33.88
N PRO D 108 11.91 3.43 -34.74
CA PRO D 108 12.57 2.20 -34.30
C PRO D 108 13.96 2.43 -33.76
N VAL D 109 14.23 1.89 -32.58
CA VAL D 109 15.53 2.02 -31.96
C VAL D 109 16.46 1.00 -32.61
N ALA D 110 17.72 1.38 -32.79
CA ALA D 110 18.68 0.47 -33.41
C ALA D 110 19.26 -0.48 -32.37
N PHE D 111 19.25 -1.76 -32.67
CA PHE D 111 19.80 -2.73 -31.74
C PHE D 111 21.32 -2.59 -31.75
N SER D 112 21.95 -3.01 -30.65
CA SER D 112 23.40 -2.94 -30.54
C SER D 112 23.80 -3.86 -29.40
N ASP D 113 25.05 -3.77 -28.98
CA ASP D 113 25.52 -4.61 -27.88
C ASP D 113 24.77 -4.34 -26.58
N TYR D 114 24.38 -3.09 -26.38
CA TYR D 114 23.72 -2.66 -25.15
C TYR D 114 22.20 -2.54 -25.20
N ILE D 115 21.64 -2.65 -26.41
CA ILE D 115 20.19 -2.57 -26.60
C ILE D 115 19.76 -3.81 -27.37
N HIS D 116 18.88 -4.62 -26.77
CA HIS D 116 18.42 -5.85 -27.40
C HIS D 116 17.11 -6.35 -26.78
N PRO D 117 16.14 -6.78 -27.63
CA PRO D 117 14.83 -7.29 -27.19
C PRO D 117 14.85 -8.59 -26.37
N VAL D 118 13.89 -8.71 -25.46
CA VAL D 118 13.77 -9.90 -24.63
C VAL D 118 12.62 -10.73 -25.23
N CYS D 119 12.51 -12.01 -24.88
CA CYS D 119 11.45 -12.85 -25.42
C CYS D 119 10.22 -12.96 -24.54
N LEU D 120 9.08 -13.21 -25.17
CA LEU D 120 7.84 -13.43 -24.44
C LEU D 120 7.74 -14.95 -24.30
N PRO D 121 7.30 -15.44 -23.14
CA PRO D 121 7.19 -16.88 -22.90
C PRO D 121 6.25 -17.67 -23.81
N ASP D 122 6.73 -18.81 -24.28
CA ASP D 122 5.89 -19.69 -25.11
C ASP D 122 5.27 -20.62 -24.06
N ARG D 123 4.28 -21.42 -24.42
CA ARG D 123 3.65 -22.29 -23.42
C ARG D 123 4.61 -23.20 -22.66
N GLU D 124 5.57 -23.80 -23.37
CA GLU D 124 6.53 -24.66 -22.70
C GLU D 124 7.26 -23.93 -21.56
N THR D 125 7.87 -22.80 -21.89
CA THR D 125 8.58 -22.02 -20.88
C THR D 125 7.72 -21.74 -19.65
N ALA D 126 6.50 -21.26 -19.87
CA ALA D 126 5.61 -20.96 -18.76
C ALA D 126 5.27 -22.22 -17.96
N ALA D 127 4.91 -23.28 -18.67
CA ALA D 127 4.54 -24.51 -18.01
C ALA D 127 5.63 -25.03 -17.09
N SER D 128 6.85 -25.06 -17.59
CA SER D 128 7.94 -25.61 -16.78
C SER D 128 8.68 -24.68 -15.84
N LEU D 129 8.77 -23.41 -16.19
CA LEU D 129 9.49 -22.47 -15.35
C LEU D 129 8.68 -21.74 -14.30
N LEU D 130 7.39 -21.58 -14.54
CA LEU D 130 6.55 -20.90 -13.57
C LEU D 130 6.11 -21.84 -12.46
N GLN D 131 7.05 -22.12 -11.55
CA GLN D 131 6.83 -23.00 -10.42
C GLN D 131 7.52 -22.44 -9.19
N ALA D 132 6.91 -22.68 -8.03
CA ALA D 132 7.46 -22.22 -6.77
C ALA D 132 8.90 -22.69 -6.55
N GLY D 133 9.76 -21.77 -6.13
CA GLY D 133 11.14 -22.12 -5.88
C GLY D 133 12.05 -21.69 -7.01
N TYR D 134 11.53 -21.68 -8.23
CA TYR D 134 12.33 -21.27 -9.36
C TYR D 134 12.56 -19.76 -9.24
N LYS D 135 13.77 -19.32 -9.55
CA LYS D 135 14.13 -17.92 -9.43
C LYS D 135 14.13 -17.19 -10.75
N GLY D 136 13.76 -15.91 -10.68
CA GLY D 136 13.73 -15.06 -11.85
C GLY D 136 14.55 -13.86 -11.47
N ARG D 137 14.83 -13.00 -12.44
CA ARG D 137 15.65 -11.83 -12.18
C ARG D 137 14.92 -10.52 -12.38
N VAL D 138 14.97 -9.65 -11.37
CA VAL D 138 14.34 -8.34 -11.45
C VAL D 138 15.42 -7.27 -11.51
N THR D 139 15.30 -6.33 -12.45
CA THR D 139 16.30 -5.30 -12.59
C THR D 139 15.69 -3.90 -12.67
N GLY D 140 16.44 -2.90 -12.23
CA GLY D 140 15.92 -1.54 -12.27
C GLY D 140 16.76 -0.48 -11.58
N TRP D 141 16.29 0.77 -11.69
CA TRP D 141 16.95 1.94 -11.10
C TRP D 141 16.16 2.54 -9.94
N GLY D 142 15.15 1.82 -9.47
CA GLY D 142 14.35 2.31 -8.37
C GLY D 142 15.11 2.48 -7.08
N ASN D 143 14.43 2.93 -6.04
CA ASN D 143 15.08 3.16 -4.76
C ASN D 143 15.81 1.94 -4.19
N LEU D 144 16.86 2.21 -3.42
CA LEU D 144 17.68 1.19 -2.81
C LEU D 144 17.12 0.70 -1.48
N LYS D 145 16.09 1.39 -0.99
CA LYS D 145 15.47 1.02 0.27
C LYS D 145 14.15 1.74 0.45
N GLU D 146 13.32 1.21 1.35
CA GLU D 146 12.02 1.78 1.63
C GLU D 146 12.18 2.91 2.65
N THR D 147 12.83 3.99 2.24
CA THR D 147 13.05 5.13 3.13
C THR D 147 13.52 6.38 2.40
N LYS D 154 21.47 9.66 -0.48
CA LYS D 154 20.61 9.53 -1.64
C LYS D 154 19.53 8.46 -1.49
N GLY D 155 19.91 7.22 -1.79
CA GLY D 155 18.98 6.11 -1.73
C GLY D 155 18.52 5.75 -3.13
N GLN D 156 19.22 6.30 -4.12
CA GLN D 156 18.93 6.06 -5.53
C GLN D 156 20.24 5.63 -6.18
N PRO D 157 20.26 4.45 -6.83
CA PRO D 157 21.46 3.92 -7.48
C PRO D 157 21.98 4.73 -8.65
N SER D 158 23.25 4.51 -9.00
CA SER D 158 23.90 5.19 -10.10
C SER D 158 24.07 4.20 -11.24
N VAL D 159 23.97 2.92 -10.91
CA VAL D 159 24.09 1.85 -11.90
C VAL D 159 22.91 0.89 -11.75
N LEU D 160 22.43 0.40 -12.89
CA LEU D 160 21.31 -0.53 -12.92
C LEU D 160 21.51 -1.57 -11.84
N GLN D 161 20.50 -1.79 -11.01
CA GLN D 161 20.58 -2.78 -9.95
C GLN D 161 19.98 -4.09 -10.44
N VAL D 162 20.32 -5.19 -9.78
CA VAL D 162 19.79 -6.47 -10.18
C VAL D 162 19.72 -7.42 -9.00
N VAL D 163 18.66 -8.21 -8.95
CA VAL D 163 18.48 -9.17 -7.89
C VAL D 163 17.68 -10.37 -8.40
N ASN D 164 17.98 -11.56 -7.87
CA ASN D 164 17.29 -12.79 -8.23
C ASN D 164 16.40 -13.20 -7.08
N LEU D 165 15.15 -13.53 -7.40
CA LEU D 165 14.19 -13.90 -6.37
C LEU D 165 13.43 -15.15 -6.77
N PRO D 166 13.03 -15.95 -5.78
CA PRO D 166 12.29 -17.19 -6.02
C PRO D 166 10.78 -16.95 -6.10
N ILE D 167 10.14 -17.68 -7.01
CA ILE D 167 8.69 -17.59 -7.16
C ILE D 167 8.11 -18.27 -5.92
N VAL D 168 7.09 -17.65 -5.33
CA VAL D 168 6.45 -18.17 -4.12
C VAL D 168 5.16 -18.95 -4.41
N GLU D 169 4.85 -19.94 -3.57
CA GLU D 169 3.64 -20.74 -3.74
C GLU D 169 2.44 -19.79 -3.59
N ARG D 170 1.46 -19.95 -4.49
CA ARG D 170 0.26 -19.10 -4.47
C ARG D 170 -0.39 -18.92 -3.10
N PRO D 171 -0.58 -20.01 -2.34
CA PRO D 171 -1.20 -19.97 -1.01
C PRO D 171 -0.44 -19.10 -0.03
N VAL D 172 0.87 -19.05 -0.21
CA VAL D 172 1.70 -18.23 0.66
C VAL D 172 1.56 -16.76 0.28
N CYS D 173 1.40 -16.50 -1.02
CA CYS D 173 1.22 -15.12 -1.49
C CYS D 173 -0.13 -14.68 -0.97
N LYS D 174 -1.12 -15.55 -1.14
CA LYS D 174 -2.47 -15.24 -0.70
C LYS D 174 -2.57 -14.91 0.77
N ASP D 175 -1.94 -15.71 1.62
CA ASP D 175 -2.01 -15.44 3.04
C ASP D 175 -1.07 -14.33 3.49
N SER D 176 -0.23 -13.83 2.59
CA SER D 176 0.72 -12.79 2.95
C SER D 176 0.16 -11.37 2.88
N THR D 177 -1.11 -11.25 2.49
CA THR D 177 -1.72 -9.93 2.37
C THR D 177 -3.23 -9.94 2.42
N ARG D 178 -3.78 -8.85 2.95
CA ARG D 178 -5.22 -8.72 3.07
C ARG D 178 -5.79 -8.39 1.70
N ILE D 179 -4.91 -8.01 0.78
CA ILE D 179 -5.31 -7.67 -0.57
C ILE D 179 -5.62 -8.89 -1.41
N ARG D 180 -6.78 -8.88 -2.04
CA ARG D 180 -7.22 -9.97 -2.89
C ARG D 180 -6.30 -9.99 -4.10
N ILE D 181 -5.76 -11.17 -4.43
CA ILE D 181 -4.86 -11.30 -5.57
C ILE D 181 -5.54 -12.16 -6.61
N THR D 182 -5.12 -12.05 -7.87
CA THR D 182 -5.74 -12.82 -8.95
C THR D 182 -4.78 -13.76 -9.68
N ASP D 183 -5.32 -14.51 -10.62
CA ASP D 183 -4.51 -15.44 -11.41
C ASP D 183 -3.59 -14.70 -12.37
N ASN D 184 -3.84 -13.41 -12.57
CA ASN D 184 -3.00 -12.65 -13.49
C ASN D 184 -1.79 -12.10 -12.76
N MET D 185 -1.62 -12.49 -11.50
CA MET D 185 -0.46 -12.03 -10.76
C MET D 185 0.23 -13.21 -10.06
N PHE D 186 1.52 -13.08 -9.84
CA PHE D 186 2.27 -14.10 -9.12
C PHE D 186 3.20 -13.31 -8.22
N CYS D 187 3.69 -13.90 -7.15
CA CYS D 187 4.56 -13.14 -6.28
C CYS D 187 5.92 -13.78 -6.16
N ALA D 188 6.92 -12.98 -5.78
CA ALA D 188 8.27 -13.50 -5.64
C ALA D 188 8.95 -12.84 -4.47
N GLY D 189 9.89 -13.56 -3.87
CA GLY D 189 10.62 -13.05 -2.72
C GLY D 189 11.01 -14.15 -1.76
N TYR D 190 12.06 -13.92 -0.99
CA TYR D 190 12.50 -14.91 -0.03
C TYR D 190 11.57 -14.87 1.18
N LYS D 191 11.39 -16.00 1.83
CA LYS D 191 10.54 -16.08 3.01
C LYS D 191 11.32 -15.57 4.22
N PRO D 192 10.59 -15.19 5.29
CA PRO D 192 11.28 -14.70 6.49
C PRO D 192 12.13 -15.86 7.00
N ASP D 193 13.41 -15.60 7.19
CA ASP D 193 14.32 -16.65 7.68
C ASP D 193 14.83 -17.61 6.61
N GLU D 194 15.00 -17.11 5.39
CA GLU D 194 15.57 -17.91 4.31
C GLU D 194 16.99 -17.36 4.20
N GLY D 195 17.31 -16.48 5.13
CA GLY D 195 18.63 -15.88 5.16
C GLY D 195 18.80 -14.80 4.09
N LYS D 196 18.20 -15.01 2.93
CA LYS D 196 18.33 -14.04 1.85
C LYS D 196 17.20 -13.02 1.81
N ARG D 197 17.46 -11.90 1.14
CA ARG D 197 16.50 -10.82 0.99
C ARG D 197 16.58 -10.24 -0.41
N GLY D 198 15.92 -9.12 -0.62
CA GLY D 198 15.94 -8.51 -1.93
C GLY D 198 14.52 -8.33 -2.44
N ASP D 199 14.30 -7.23 -3.15
CA ASP D 199 12.98 -6.94 -3.68
C ASP D 199 13.05 -5.72 -4.57
N ALA D 200 11.95 -5.44 -5.26
CA ALA D 200 11.89 -4.28 -6.11
C ALA D 200 11.42 -3.14 -5.21
N CYS D 201 11.69 -1.90 -5.59
CA CYS D 201 11.24 -0.78 -4.79
C CYS D 201 10.77 0.36 -5.69
N GLU D 202 10.19 1.39 -5.09
CA GLU D 202 9.70 2.52 -5.86
C GLU D 202 10.67 2.98 -6.95
N GLY D 203 10.19 2.93 -8.20
CA GLY D 203 11.03 3.31 -9.32
C GLY D 203 11.33 2.10 -10.18
N ASP D 204 11.02 0.91 -9.65
CA ASP D 204 11.26 -0.34 -10.37
C ASP D 204 10.01 -0.86 -11.07
N SER D 205 8.85 -0.41 -10.62
CA SER D 205 7.57 -0.83 -11.20
C SER D 205 7.63 -0.77 -12.74
N GLY D 206 6.98 -1.72 -13.40
CA GLY D 206 6.98 -1.73 -14.85
C GLY D 206 8.18 -2.45 -15.43
N GLY D 207 9.26 -2.57 -14.65
CA GLY D 207 10.46 -3.25 -15.12
C GLY D 207 10.23 -4.74 -15.30
N PRO D 208 11.17 -5.47 -15.90
CA PRO D 208 10.95 -6.90 -16.09
C PRO D 208 11.46 -7.87 -15.02
N PHE D 209 10.81 -9.04 -14.99
CA PHE D 209 11.16 -10.16 -14.12
C PHE D 209 11.46 -11.22 -15.17
N VAL D 210 12.73 -11.51 -15.38
CA VAL D 210 13.11 -12.46 -16.41
C VAL D 210 13.66 -13.79 -15.91
N MET D 211 13.61 -14.78 -16.79
CA MET D 211 14.09 -16.12 -16.50
C MET D 211 14.88 -16.63 -17.70
N LYS D 212 15.98 -17.33 -17.44
CA LYS D 212 16.78 -17.88 -18.53
C LYS D 212 16.40 -19.32 -18.76
N SER D 213 15.89 -19.60 -19.95
CA SER D 213 15.46 -20.95 -20.28
C SER D 213 16.60 -21.93 -20.35
N PRO D 214 16.51 -23.03 -19.58
CA PRO D 214 17.58 -24.02 -19.63
C PRO D 214 17.37 -24.97 -20.80
N PHE D 215 16.36 -24.67 -21.63
CA PHE D 215 16.07 -25.50 -22.79
C PHE D 215 16.67 -24.93 -24.07
N ASN D 216 16.85 -23.61 -24.12
CA ASN D 216 17.40 -22.99 -25.31
C ASN D 216 18.29 -21.79 -24.99
N ASN D 217 18.61 -21.61 -23.71
CA ASN D 217 19.46 -20.52 -23.26
C ASN D 217 19.02 -19.08 -23.66
N ARG D 218 17.72 -18.85 -23.79
CA ARG D 218 17.21 -17.54 -24.12
C ARG D 218 16.56 -16.94 -22.87
N TRP D 219 16.57 -15.61 -22.77
CA TRP D 219 15.94 -14.94 -21.66
C TRP D 219 14.48 -14.63 -22.00
N TYR D 220 13.58 -14.94 -21.06
CA TYR D 220 12.15 -14.73 -21.22
C TYR D 220 11.60 -13.86 -20.11
N GLN D 221 10.71 -12.93 -20.45
CA GLN D 221 10.12 -12.09 -19.43
C GLN D 221 8.82 -12.73 -18.98
N MET D 222 8.82 -13.25 -17.76
CA MET D 222 7.65 -13.91 -17.21
C MET D 222 6.75 -12.92 -16.47
N GLY D 223 7.35 -11.87 -15.91
CA GLY D 223 6.54 -10.90 -15.19
C GLY D 223 6.88 -9.45 -15.43
N ILE D 224 6.12 -8.58 -14.76
CA ILE D 224 6.32 -7.14 -14.82
C ILE D 224 6.14 -6.72 -13.36
N VAL D 225 7.12 -5.98 -12.83
CA VAL D 225 7.03 -5.52 -11.45
C VAL D 225 5.73 -4.73 -11.37
N SER D 226 4.84 -5.19 -10.51
CA SER D 226 3.54 -4.57 -10.37
C SER D 226 3.29 -3.84 -9.05
N TRP D 227 3.32 -4.56 -7.94
CA TRP D 227 3.08 -3.92 -6.67
C TRP D 227 3.56 -4.71 -5.46
N GLY D 228 3.47 -4.07 -4.31
CA GLY D 228 3.85 -4.65 -3.04
C GLY D 228 3.49 -3.68 -1.93
N GLU D 229 3.51 -4.16 -0.70
CA GLU D 229 3.22 -3.29 0.44
C GLU D 229 4.56 -3.05 1.10
N GLY D 230 5.19 -1.94 0.74
CA GLY D 230 6.50 -1.65 1.27
C GLY D 230 7.56 -2.27 0.36
N CYS D 231 8.82 -2.20 0.78
CA CYS D 231 9.92 -2.77 0.00
C CYS D 231 10.78 -3.69 0.86
N ASP D 232 10.79 -4.96 0.50
CA ASP D 232 11.62 -5.95 1.19
C ASP D 232 11.32 -6.16 2.68
N ARG D 233 10.04 -6.16 3.02
CA ARG D 233 9.61 -6.37 4.40
C ARG D 233 9.43 -7.86 4.64
N ASP D 234 9.79 -8.32 5.82
CA ASP D 234 9.64 -9.73 6.15
C ASP D 234 8.18 -10.14 6.14
N GLY D 235 7.88 -11.29 5.54
CA GLY D 235 6.51 -11.76 5.50
C GLY D 235 5.70 -11.22 4.33
N LYS D 236 6.25 -10.23 3.63
CA LYS D 236 5.59 -9.64 2.47
C LYS D 236 6.34 -10.03 1.21
N TYR D 237 5.65 -10.03 0.08
CA TYR D 237 6.26 -10.38 -1.19
C TYR D 237 5.87 -9.38 -2.28
N GLY D 238 6.69 -9.30 -3.32
CA GLY D 238 6.39 -8.40 -4.41
C GLY D 238 5.48 -9.12 -5.38
N PHE D 239 4.56 -8.39 -5.99
CA PHE D 239 3.66 -9.01 -6.96
C PHE D 239 3.99 -8.61 -8.38
N TYR D 240 3.82 -9.54 -9.30
CA TYR D 240 4.14 -9.32 -10.69
C TYR D 240 3.03 -9.72 -11.64
N THR D 241 2.91 -8.94 -12.71
CA THR D 241 1.91 -9.22 -13.72
C THR D 241 2.33 -10.49 -14.45
N HIS D 242 1.44 -11.47 -14.45
CA HIS D 242 1.71 -12.72 -15.11
C HIS D 242 1.73 -12.45 -16.62
N VAL D 243 2.92 -12.28 -17.20
CA VAL D 243 3.01 -11.97 -18.63
C VAL D 243 2.43 -13.01 -19.58
N PHE D 244 2.66 -14.29 -19.32
CA PHE D 244 2.13 -15.30 -20.23
C PHE D 244 0.62 -15.27 -20.33
N ARG D 245 -0.05 -15.27 -19.19
CA ARG D 245 -1.50 -15.23 -19.20
C ARG D 245 -2.06 -14.10 -20.07
N LEU D 246 -1.34 -12.99 -20.15
CA LEU D 246 -1.79 -11.86 -20.94
C LEU D 246 -1.12 -11.73 -22.31
N LYS D 247 -0.39 -12.76 -22.73
CA LYS D 247 0.33 -12.68 -23.99
C LYS D 247 -0.51 -12.50 -25.25
N LYS D 248 -1.72 -13.07 -25.26
CA LYS D 248 -2.58 -12.94 -26.44
C LYS D 248 -2.92 -11.47 -26.70
N TRP D 249 -3.12 -10.71 -25.63
CA TRP D 249 -3.41 -9.29 -25.79
C TRP D 249 -2.17 -8.61 -26.39
N ILE D 250 -1.01 -8.92 -25.83
CA ILE D 250 0.23 -8.35 -26.33
C ILE D 250 0.38 -8.61 -27.82
N GLN D 251 0.21 -9.87 -28.22
CA GLN D 251 0.31 -10.26 -29.64
C GLN D 251 -0.78 -9.60 -30.50
N LYS D 252 -1.97 -9.42 -29.92
CA LYS D 252 -3.07 -8.80 -30.64
C LYS D 252 -2.65 -7.38 -31.00
N VAL D 253 -2.26 -6.62 -29.98
CA VAL D 253 -1.84 -5.24 -30.18
C VAL D 253 -0.73 -5.12 -31.21
N ILE D 254 0.33 -5.91 -31.07
CA ILE D 254 1.43 -5.82 -32.02
C ILE D 254 1.07 -6.21 -33.45
N ASP D 255 0.26 -7.25 -33.59
CA ASP D 255 -0.15 -7.68 -34.93
C ASP D 255 -1.10 -6.66 -35.55
N GLN D 256 -2.15 -6.31 -34.82
CA GLN D 256 -3.16 -5.38 -35.31
C GLN D 256 -2.74 -3.91 -35.23
N PHE D 257 -2.13 -3.53 -34.12
CA PHE D 257 -1.67 -2.17 -33.83
C PHE D 257 -2.82 -1.32 -33.32
N PRO E 1 3.83 -18.51 -8.42
CA PRO E 1 2.70 -19.41 -8.72
C PRO E 1 2.07 -18.92 -10.01
N ALA E 2 1.90 -19.81 -10.98
CA ALA E 2 1.33 -19.38 -12.26
C ALA E 2 0.77 -20.51 -13.11
N GLU E 3 -0.22 -20.20 -13.94
CA GLU E 3 -0.84 -21.19 -14.82
C GLU E 3 -0.49 -20.97 -16.28
N THR E 4 -0.84 -21.95 -17.12
CA THR E 4 -0.56 -21.88 -18.54
C THR E 4 -1.88 -21.68 -19.27
N GLU E 5 -2.82 -21.06 -18.58
CA GLU E 5 -4.15 -20.76 -19.11
C GLU E 5 -4.18 -19.26 -19.32
N ASP E 7 -5.77 -15.39 -19.74
CA ASP E 7 -6.82 -14.55 -19.21
C ASP E 7 -7.71 -14.26 -20.40
N SER E 8 -9.01 -14.30 -20.15
CA SER E 8 -10.01 -14.05 -21.17
C SER E 8 -10.22 -12.58 -21.45
N LEU E 9 -10.58 -12.27 -22.70
CA LEU E 9 -10.83 -10.90 -23.11
C LEU E 9 -12.34 -10.68 -23.33
N PRO E 11 -16.57 -12.93 -22.57
CA PRO E 11 -17.69 -13.04 -23.52
C PRO E 11 -17.52 -13.64 -24.91
N GLU E 12 -17.42 -14.97 -24.90
CA GLU E 12 -17.26 -15.84 -26.07
C GLU E 12 -16.33 -16.94 -25.54
N ASP E 13 -16.86 -17.82 -24.68
CA ASP E 13 -16.05 -18.87 -24.07
C ASP E 13 -15.57 -20.04 -24.92
N ASP E 14 -15.78 -21.25 -24.40
CA ASP E 14 -15.35 -22.49 -25.06
C ASP E 14 -15.99 -22.77 -26.43
#